data_6XB7
#
_entry.id   6XB7
#
loop_
_entity.id
_entity.type
_entity.pdbx_description
1 polymer 'RNA (41-MER)'
2 non-polymer 3-amino-N-(diaminomethylidene)-5-(dimethylamino)-6-(phenylethynyl)pyrazine-2-carboxamide
#
_entity_poly.entity_id   1
_entity_poly.type   'polyribonucleotide'
_entity_poly.pdbx_seq_one_letter_code
;GGAUCAAUAGCAGGUGUGGCACACCAGUCAUACCUUGAUCC
;
_entity_poly.pdbx_strand_id   A
#